data_7OZC
#
_entry.id   7OZC
#
_cell.length_a   52.150
_cell.length_b   91.760
_cell.length_c   52.680
_cell.angle_alpha   90.000
_cell.angle_beta   116.630
_cell.angle_gamma   90.000
#
_symmetry.space_group_name_H-M   'P 1 21 1'
#
loop_
_entity.id
_entity.type
_entity.pdbx_description
1 polymer 'Arylsulfatase A'
2 non-polymer 6-O-sulfo-beta-D-galactopyranose
3 non-polymer 'CALCIUM ION'
4 water water
#
_entity_poly.entity_id   1
_entity_poly.type   'polypeptide(L)'
_entity_poly.pdbx_seq_one_letter_code
;MGSSHHHHHHSSGLVPRGSHMASQKTSQQVEEKPNVIVILADDLGFGDVSAYGSTTIHTPNIDSLARGGVCFTNGYATSA
TSTPSRYALMTGMYPWKNKDAKILPGDAPLIINESQYTLPKMMRECGYVTGAIGKWHLGMGNGNVNWNETVKPGAKEIGF
DYSCLIAATNDRVPTVYVENGDVVGRDPSDPIEVSYEQNFEGEPTAISNPEMLKMQWAHGHNNSIVNGIPRIGYMKGGKK
ARWKDEDMADYFVDKVKNFITEHRDSSFFLYYGLHEPHVPRAPHQRFVGKTTMGPRGDAIVEADWCVGELLTYLKKEGLL
EKTLIIFSSDNGPVLNDGYKDGAPELAGKHAPAGGLRGGKYSLFDGGTHIPLFVYWKGKIQPVKSDALVCQMDLLASLGS
MVGATLPDGLDSRNYLNAFMGTELKARENLIIEAQGRLGYRSGDWIMMPPYKGSQRNLTGNELGNLDEFSLFDVKSDKGQ
KSNVAGRHPELLERLKQEFFVQTDGFYRSEVEEEPLK
;
_entity_poly.pdbx_strand_id   AAA
#
# COMPACT_ATOMS: atom_id res chain seq x y z
N LYS A 33 -8.91 20.44 -13.97
CA LYS A 33 -8.00 19.36 -14.44
C LYS A 33 -6.58 19.65 -13.98
N PRO A 34 -6.28 19.63 -12.67
CA PRO A 34 -4.89 19.52 -12.24
C PRO A 34 -4.37 18.13 -12.60
N ASN A 35 -3.04 18.00 -12.73
CA ASN A 35 -2.37 16.68 -12.59
C ASN A 35 -2.72 16.08 -11.22
N VAL A 36 -2.75 14.76 -11.14
CA VAL A 36 -3.04 14.02 -9.89
C VAL A 36 -1.96 12.96 -9.70
N ILE A 37 -1.30 12.96 -8.55
CA ILE A 37 -0.28 11.96 -8.17
C ILE A 37 -0.74 11.31 -6.88
N VAL A 38 -0.88 9.99 -6.93
CA VAL A 38 -1.14 9.14 -5.74
C VAL A 38 0.18 8.44 -5.43
N ILE A 39 0.75 8.79 -4.28
CA ILE A 39 1.98 8.17 -3.74
C ILE A 39 1.58 7.23 -2.60
N LEU A 40 1.87 5.95 -2.77
CA LEU A 40 1.62 4.91 -1.73
C LEU A 40 2.98 4.40 -1.24
N ALA A 41 3.29 4.55 0.05
CA ALA A 41 4.37 3.77 0.68
C ALA A 41 3.82 2.37 1.03
N ASP A 42 4.73 1.51 1.47
CA ASP A 42 4.50 0.04 1.59
C ASP A 42 4.83 -0.38 3.02
N ASP A 43 3.81 -0.48 3.88
CA ASP A 43 3.89 -0.79 5.35
C ASP A 43 4.35 0.42 6.17
N LEU A 44 4.14 1.63 5.68
CA LEU A 44 4.50 2.87 6.41
C LEU A 44 3.39 3.15 7.45
N GLY A 45 3.75 3.00 8.72
CA GLY A 45 2.80 3.07 9.84
C GLY A 45 2.47 4.49 10.22
N PHE A 46 1.38 4.65 10.97
CA PHE A 46 0.92 5.95 11.49
C PHE A 46 2.04 6.68 12.25
N GLY A 47 3.00 5.95 12.84
CA GLY A 47 4.11 6.52 13.64
C GLY A 47 5.45 6.49 12.91
N ASP A 48 5.45 6.15 11.61
CA ASP A 48 6.67 6.07 10.76
C ASP A 48 6.91 7.35 9.96
N VAL A 49 6.12 8.39 10.18
CA VAL A 49 6.36 9.79 9.70
C VAL A 49 6.40 10.72 10.92
N SER A 50 7.04 11.88 10.81
CA SER A 50 7.12 12.89 11.91
C SER A 50 5.94 13.87 11.80
N ALA A 51 5.04 13.70 10.82
CA ALA A 51 3.93 14.63 10.52
C ALA A 51 3.04 14.78 11.75
N TYR A 52 2.81 13.72 12.52
CA TYR A 52 1.87 13.69 13.67
C TYR A 52 2.62 13.91 14.99
N GLY A 53 3.90 14.27 14.95
CA GLY A 53 4.70 14.74 16.11
C GLY A 53 5.69 13.71 16.63
N SER A 54 5.97 12.63 15.89
CA SER A 54 6.94 11.60 16.32
C SER A 54 8.30 12.27 16.58
N THR A 55 8.97 11.85 17.65
CA THR A 55 10.32 12.34 18.03
C THR A 55 11.39 11.35 17.58
N THR A 56 11.01 10.21 17.00
CA THR A 56 11.87 9.02 16.82
C THR A 56 12.18 8.77 15.34
N ILE A 57 11.60 9.55 14.44
CA ILE A 57 11.90 9.52 12.98
C ILE A 57 11.70 10.93 12.45
N HIS A 58 12.38 11.26 11.36
CA HIS A 58 12.31 12.57 10.69
C HIS A 58 12.01 12.32 9.21
N THR A 59 10.82 12.69 8.76
CA THR A 59 10.37 12.60 7.35
C THR A 59 10.01 14.01 6.85
N PRO A 60 10.99 14.92 6.67
CA PRO A 60 10.68 16.33 6.37
C PRO A 60 9.91 16.53 5.05
N ASN A 61 10.25 15.78 4.01
CA ASN A 61 9.67 15.93 2.64
C ASN A 61 8.20 15.49 2.70
N ILE A 62 7.96 14.34 3.32
CA ILE A 62 6.58 13.82 3.54
C ILE A 62 5.84 14.79 4.46
N ASP A 63 6.47 15.30 5.52
CA ASP A 63 5.79 16.22 6.47
C ASP A 63 5.40 17.53 5.76
N SER A 64 6.13 17.93 4.72
CA SER A 64 5.85 19.20 3.99
C SER A 64 4.49 19.06 3.28
N LEU A 65 4.15 17.87 2.76
CA LEU A 65 2.81 17.59 2.19
C LEU A 65 1.77 17.72 3.28
N ALA A 66 2.07 17.20 4.48
CA ALA A 66 1.13 17.20 5.62
C ALA A 66 0.89 18.62 6.11
N ARG A 67 1.94 19.39 6.36
CA ARG A 67 1.79 20.72 7.02
C ARG A 67 1.24 21.70 5.97
N GLY A 68 1.71 21.60 4.73
CA GLY A 68 1.36 22.53 3.63
C GLY A 68 0.08 22.11 2.92
N GLY A 69 -0.66 21.15 3.47
CA GLY A 69 -1.84 20.56 2.80
C GLY A 69 -2.88 20.16 3.82
N VAL A 70 -3.68 19.16 3.50
CA VAL A 70 -4.64 18.56 4.46
C VAL A 70 -3.95 17.36 5.12
N CYS A 71 -3.84 17.39 6.45
N CYS A 71 -3.92 17.39 6.46
CA CYS A 71 -3.27 16.29 7.27
CA CYS A 71 -3.32 16.35 7.33
C CYS A 71 -4.43 15.58 7.97
C CYS A 71 -4.46 15.57 8.01
N PHE A 72 -4.76 14.37 7.51
CA PHE A 72 -5.87 13.52 8.00
C PHE A 72 -5.38 12.73 9.21
N THR A 73 -6.03 12.91 10.36
CA THR A 73 -5.77 12.15 11.61
C THR A 73 -6.57 10.83 11.63
N ASN A 74 -7.56 10.65 10.76
CA ASN A 74 -8.48 9.49 10.73
C ASN A 74 -8.58 8.98 9.29
N GLY A 75 -7.44 8.83 8.63
CA GLY A 75 -7.34 8.32 7.25
C GLY A 75 -7.06 6.84 7.24
N TYR A 76 -7.71 6.10 6.31
CA TYR A 76 -7.77 4.63 6.30
C TYR A 76 -7.48 4.08 4.91
N ALA A 77 -6.70 3.00 4.89
CA ALA A 77 -6.74 1.96 3.85
C ALA A 77 -7.88 1.01 4.22
N THR A 78 -8.38 0.23 3.27
CA THR A 78 -9.44 -0.77 3.57
C THR A 78 -8.89 -1.95 4.37
N SER A 79 -7.58 -2.22 4.26
CA SER A 79 -6.98 -3.55 4.54
C SER A 79 -5.62 -3.40 5.23
N ALA A 80 -5.26 -4.42 6.00
CA ALA A 80 -3.99 -4.47 6.77
C ALA A 80 -2.94 -5.24 5.97
N THR A 81 -3.22 -5.53 4.70
CA THR A 81 -2.22 -6.10 3.75
C THR A 81 -2.31 -5.38 2.40
N SER A 82 -1.31 -5.58 1.55
CA SER A 82 -1.04 -4.79 0.32
C SER A 82 -2.17 -4.97 -0.72
N THR A 83 -2.29 -6.15 -1.29
CA THR A 83 -3.12 -6.38 -2.51
C THR A 83 -4.54 -5.88 -2.26
N PRO A 84 -5.22 -6.22 -1.16
CA PRO A 84 -6.59 -5.71 -0.93
C PRO A 84 -6.74 -4.19 -0.80
N SER A 85 -5.84 -3.50 -0.07
CA SER A 85 -5.84 -2.01 0.01
C SER A 85 -5.64 -1.39 -1.38
N ARG A 86 -4.71 -1.94 -2.16
CA ARG A 86 -4.36 -1.43 -3.51
C ARG A 86 -5.54 -1.69 -4.45
N TYR A 87 -6.22 -2.82 -4.29
CA TYR A 87 -7.40 -3.18 -5.11
C TYR A 87 -8.53 -2.16 -4.87
N ALA A 88 -8.76 -1.79 -3.61
CA ALA A 88 -9.83 -0.85 -3.22
C ALA A 88 -9.53 0.54 -3.81
N LEU A 89 -8.27 0.97 -3.78
CA LEU A 89 -7.83 2.27 -4.35
C LEU A 89 -8.08 2.25 -5.85
N MET A 90 -7.69 1.17 -6.53
CA MET A 90 -7.72 1.11 -8.00
C MET A 90 -9.16 0.92 -8.54
N THR A 91 -10.06 0.27 -7.81
CA THR A 91 -11.39 -0.17 -8.35
C THR A 91 -12.54 0.58 -7.67
N GLY A 92 -12.27 1.23 -6.54
CA GLY A 92 -13.34 1.79 -5.69
C GLY A 92 -14.30 0.74 -5.17
N MET A 93 -13.84 -0.52 -5.02
CA MET A 93 -14.64 -1.66 -4.48
C MET A 93 -13.97 -2.15 -3.20
N TYR A 94 -14.76 -2.47 -2.19
CA TYR A 94 -14.26 -3.24 -1.01
C TYR A 94 -13.63 -4.53 -1.51
N PRO A 95 -12.36 -4.81 -1.11
CA PRO A 95 -11.62 -5.94 -1.67
C PRO A 95 -12.15 -7.31 -1.23
N TRP A 96 -12.76 -7.36 -0.05
CA TRP A 96 -13.39 -8.57 0.50
C TRP A 96 -14.63 -8.95 -0.31
N LYS A 97 -14.95 -8.21 -1.38
CA LYS A 97 -16.01 -8.63 -2.31
C LYS A 97 -15.39 -9.39 -3.48
N ASN A 98 -14.06 -9.50 -3.50
CA ASN A 98 -13.29 -10.29 -4.49
C ASN A 98 -12.51 -11.36 -3.72
N LYS A 99 -12.86 -12.64 -3.90
CA LYS A 99 -12.24 -13.79 -3.18
C LYS A 99 -10.73 -13.84 -3.48
N ASP A 100 -10.25 -13.24 -4.58
CA ASP A 100 -8.80 -13.29 -4.91
C ASP A 100 -8.03 -12.09 -4.33
N ALA A 101 -8.70 -11.16 -3.65
CA ALA A 101 -8.03 -9.91 -3.19
C ALA A 101 -7.37 -10.20 -1.84
N LYS A 102 -6.20 -10.86 -1.91
CA LYS A 102 -5.33 -11.15 -0.74
C LYS A 102 -3.89 -11.10 -1.22
N ILE A 103 -2.93 -11.14 -0.29
CA ILE A 103 -1.48 -11.08 -0.65
C ILE A 103 -1.22 -12.02 -1.84
N LEU A 104 -0.75 -11.49 -2.95
CA LEU A 104 -0.53 -12.28 -4.18
C LEU A 104 0.93 -12.69 -4.33
N PRO A 105 1.16 -13.92 -4.83
CA PRO A 105 2.45 -14.29 -5.41
C PRO A 105 2.73 -13.45 -6.68
N GLY A 106 4.01 -13.40 -7.07
CA GLY A 106 4.51 -12.66 -8.24
C GLY A 106 3.95 -13.19 -9.55
N ASP A 107 3.51 -14.46 -9.58
CA ASP A 107 2.88 -15.08 -10.80
C ASP A 107 1.35 -15.12 -10.69
N ALA A 108 0.72 -14.44 -9.73
CA ALA A 108 -0.76 -14.42 -9.63
C ALA A 108 -1.38 -13.75 -10.86
N PRO A 109 -2.53 -14.25 -11.38
CA PRO A 109 -3.22 -13.56 -12.46
C PRO A 109 -3.80 -12.24 -11.95
N LEU A 110 -4.03 -11.31 -12.89
CA LEU A 110 -4.67 -10.01 -12.62
C LEU A 110 -6.04 -10.27 -11.97
N ILE A 111 -6.28 -9.66 -10.80
CA ILE A 111 -7.52 -9.89 -10.01
C ILE A 111 -8.59 -8.85 -10.36
N ILE A 112 -8.26 -7.84 -11.15
CA ILE A 112 -9.24 -6.84 -11.68
C ILE A 112 -9.64 -7.30 -13.08
N ASN A 113 -10.95 -7.37 -13.35
N ASN A 113 -10.94 -7.38 -13.35
CA ASN A 113 -11.47 -7.74 -14.71
CA ASN A 113 -11.51 -7.75 -14.68
C ASN A 113 -11.04 -6.68 -15.71
C ASN A 113 -11.08 -6.68 -15.70
N GLU A 114 -10.71 -7.11 -16.92
CA GLU A 114 -10.30 -6.22 -18.04
C GLU A 114 -11.44 -5.27 -18.42
N SER A 115 -12.68 -5.64 -18.09
CA SER A 115 -13.90 -4.86 -18.38
C SER A 115 -14.30 -3.95 -17.21
N GLN A 116 -13.66 -4.03 -16.05
CA GLN A 116 -14.15 -3.39 -14.81
C GLN A 116 -13.70 -1.92 -14.76
N TYR A 117 -14.57 -1.04 -14.27
CA TYR A 117 -14.26 0.40 -14.11
C TYR A 117 -13.07 0.50 -13.17
N THR A 118 -12.13 1.41 -13.46
CA THR A 118 -10.93 1.61 -12.60
C THR A 118 -10.60 3.09 -12.52
N LEU A 119 -9.83 3.44 -11.49
CA LEU A 119 -9.34 4.81 -11.25
C LEU A 119 -8.64 5.32 -12.51
N PRO A 120 -7.62 4.62 -13.06
CA PRO A 120 -6.93 5.10 -14.26
C PRO A 120 -7.81 5.22 -15.52
N LYS A 121 -8.69 4.26 -15.74
CA LYS A 121 -9.68 4.28 -16.85
C LYS A 121 -10.55 5.53 -16.76
N MET A 122 -11.08 5.84 -15.58
N MET A 122 -11.03 5.86 -15.55
CA MET A 122 -11.87 7.08 -15.36
CA MET A 122 -11.86 7.06 -15.25
C MET A 122 -11.01 8.29 -15.76
C MET A 122 -11.08 8.34 -15.58
N MET A 123 -9.80 8.42 -15.17
CA MET A 123 -8.97 9.62 -15.42
C MET A 123 -8.71 9.72 -16.93
N ARG A 124 -8.44 8.59 -17.57
CA ARG A 124 -8.14 8.58 -19.03
C ARG A 124 -9.35 9.06 -19.83
N GLU A 125 -10.55 8.61 -19.52
CA GLU A 125 -11.75 9.03 -20.29
C GLU A 125 -12.07 10.51 -19.98
N CYS A 126 -11.56 11.08 -18.87
CA CYS A 126 -11.72 12.53 -18.54
C CYS A 126 -10.50 13.36 -18.97
N GLY A 127 -9.67 12.85 -19.90
CA GLY A 127 -8.64 13.62 -20.61
C GLY A 127 -7.25 13.52 -19.99
N TYR A 128 -6.95 12.53 -19.17
CA TYR A 128 -5.60 12.36 -18.57
C TYR A 128 -4.76 11.29 -19.28
N VAL A 129 -3.44 11.52 -19.31
CA VAL A 129 -2.42 10.46 -19.60
C VAL A 129 -2.14 9.76 -18.25
N THR A 130 -2.08 8.43 -18.26
CA THR A 130 -2.03 7.63 -17.01
C THR A 130 -0.74 6.83 -16.93
N GLY A 131 -0.20 6.78 -15.72
CA GLY A 131 1.05 6.05 -15.41
C GLY A 131 1.00 5.37 -14.04
N ALA A 132 1.56 4.17 -13.98
CA ALA A 132 1.75 3.38 -12.73
C ALA A 132 3.23 3.04 -12.65
N ILE A 133 3.91 3.53 -11.61
CA ILE A 133 5.37 3.31 -11.44
C ILE A 133 5.64 2.81 -10.02
N GLY A 134 6.32 1.67 -9.92
CA GLY A 134 6.72 1.08 -8.63
C GLY A 134 5.97 -0.22 -8.38
N LYS A 135 5.51 -0.40 -7.16
CA LYS A 135 4.85 -1.65 -6.74
C LYS A 135 3.49 -1.77 -7.41
N TRP A 136 3.21 -2.95 -7.97
CA TRP A 136 1.91 -3.35 -8.58
C TRP A 136 1.10 -4.20 -7.58
N HIS A 137 1.36 -5.51 -7.53
CA HIS A 137 0.77 -6.46 -6.54
C HIS A 137 -0.75 -6.59 -6.73
N LEU A 138 -1.23 -6.48 -7.96
CA LEU A 138 -2.65 -6.70 -8.33
C LEU A 138 -2.76 -7.83 -9.36
N GLY A 139 -1.62 -8.43 -9.70
CA GLY A 139 -1.60 -9.59 -10.58
C GLY A 139 -1.41 -9.19 -12.01
N MET A 140 -0.94 -10.16 -12.81
CA MET A 140 -0.61 -10.00 -14.25
C MET A 140 -0.84 -11.34 -14.92
N GLY A 141 -1.44 -11.33 -16.12
CA GLY A 141 -1.71 -12.54 -16.90
C GLY A 141 -2.95 -13.27 -16.43
N ASN A 142 -3.07 -14.52 -16.89
CA ASN A 142 -4.26 -15.40 -16.71
C ASN A 142 -3.84 -16.77 -16.15
N GLY A 143 -2.66 -16.87 -15.53
CA GLY A 143 -2.25 -18.02 -14.70
C GLY A 143 -1.12 -18.83 -15.31
N ASN A 144 -0.62 -18.46 -16.48
CA ASN A 144 0.53 -19.15 -17.11
C ASN A 144 1.45 -18.10 -17.70
N VAL A 145 1.75 -17.07 -16.91
CA VAL A 145 2.65 -15.95 -17.33
C VAL A 145 3.89 -16.56 -17.97
N ASN A 146 4.13 -16.20 -19.22
CA ASN A 146 5.43 -16.35 -19.89
C ASN A 146 6.17 -15.02 -19.73
N TRP A 147 7.20 -14.98 -18.89
CA TRP A 147 7.87 -13.71 -18.51
C TRP A 147 8.73 -13.23 -19.67
N ASN A 148 8.79 -13.98 -20.78
CA ASN A 148 9.73 -13.71 -21.90
C ASN A 148 9.02 -12.96 -23.04
N GLU A 149 7.68 -12.89 -23.01
CA GLU A 149 6.82 -12.10 -23.92
C GLU A 149 6.04 -11.03 -23.15
N THR A 150 5.18 -10.27 -23.87
CA THR A 150 4.36 -9.19 -23.26
C THR A 150 3.35 -9.87 -22.34
N VAL A 151 3.33 -9.49 -21.06
CA VAL A 151 2.45 -10.13 -20.05
C VAL A 151 1.14 -9.35 -20.01
N LYS A 152 0.07 -9.93 -20.53
CA LYS A 152 -1.31 -9.37 -20.54
C LYS A 152 -2.28 -10.40 -19.98
N PRO A 153 -3.40 -9.97 -19.34
CA PRO A 153 -3.59 -8.57 -18.97
C PRO A 153 -2.71 -8.09 -17.81
N GLY A 154 -2.33 -6.81 -17.86
CA GLY A 154 -1.55 -6.13 -16.80
C GLY A 154 -2.00 -4.69 -16.64
N ALA A 155 -1.12 -3.81 -16.19
CA ALA A 155 -1.43 -2.38 -15.92
C ALA A 155 -2.09 -1.73 -17.14
N LYS A 156 -1.52 -1.95 -18.33
N LYS A 156 -1.50 -1.94 -18.33
CA LYS A 156 -2.01 -1.40 -19.61
CA LYS A 156 -2.02 -1.39 -19.60
C LYS A 156 -3.49 -1.73 -19.80
C LYS A 156 -3.53 -1.71 -19.73
N GLU A 157 -3.92 -2.96 -19.46
CA GLU A 157 -5.31 -3.41 -19.71
C GLU A 157 -6.27 -2.90 -18.61
N ILE A 158 -5.80 -2.29 -17.53
CA ILE A 158 -6.78 -1.70 -16.55
C ILE A 158 -6.76 -0.16 -16.65
N GLY A 159 -6.01 0.36 -17.63
CA GLY A 159 -6.10 1.77 -18.04
C GLY A 159 -4.84 2.59 -17.83
N PHE A 160 -3.68 2.02 -17.54
CA PHE A 160 -2.40 2.77 -17.44
C PHE A 160 -1.71 2.83 -18.81
N ASP A 161 -1.64 4.02 -19.43
CA ASP A 161 -0.98 4.23 -20.75
C ASP A 161 0.49 3.86 -20.61
N TYR A 162 1.08 4.15 -19.46
CA TYR A 162 2.49 3.82 -19.15
C TYR A 162 2.54 3.04 -17.84
N SER A 163 3.42 2.06 -17.78
CA SER A 163 3.72 1.36 -16.51
C SER A 163 5.16 0.87 -16.52
N CYS A 164 5.78 0.97 -15.36
CA CYS A 164 7.09 0.35 -15.07
C CYS A 164 7.06 -0.17 -13.63
N LEU A 165 6.97 -1.49 -13.44
CA LEU A 165 6.50 -2.07 -12.16
C LEU A 165 7.36 -3.22 -11.62
N ILE A 166 7.33 -3.38 -10.30
CA ILE A 166 7.51 -4.65 -9.51
C ILE A 166 6.20 -5.44 -9.65
N ALA A 167 6.25 -6.69 -10.13
CA ALA A 167 5.03 -7.50 -10.32
C ALA A 167 4.26 -7.58 -8.99
N ALA A 168 4.94 -7.99 -7.90
CA ALA A 168 4.28 -8.24 -6.60
C ALA A 168 4.93 -7.36 -5.54
N THR A 169 5.94 -7.87 -4.84
CA THR A 169 6.65 -7.17 -3.75
C THR A 169 8.16 -7.27 -4.02
N ASN A 170 8.95 -6.47 -3.35
CA ASN A 170 10.43 -6.50 -3.53
C ASN A 170 11.03 -7.75 -2.85
N ASP A 171 10.24 -8.54 -2.13
CA ASP A 171 10.75 -9.85 -1.59
C ASP A 171 10.23 -11.02 -2.42
N ARG A 172 9.56 -10.79 -3.55
CA ARG A 172 8.91 -11.85 -4.37
C ARG A 172 9.53 -11.92 -5.76
N VAL A 173 9.70 -13.14 -6.25
CA VAL A 173 10.10 -13.38 -7.66
C VAL A 173 8.87 -13.16 -8.52
N PRO A 174 9.05 -12.75 -9.80
CA PRO A 174 10.36 -12.41 -10.39
C PRO A 174 10.91 -11.06 -9.93
N THR A 175 12.20 -11.01 -9.65
CA THR A 175 12.93 -9.79 -9.22
C THR A 175 13.33 -9.02 -10.49
N VAL A 176 12.34 -8.57 -11.26
CA VAL A 176 12.53 -7.81 -12.52
C VAL A 176 11.57 -6.62 -12.57
N TYR A 177 11.84 -5.71 -13.51
CA TYR A 177 10.98 -4.56 -13.85
C TYR A 177 10.16 -4.95 -15.06
N VAL A 178 8.86 -4.67 -14.97
CA VAL A 178 7.88 -4.93 -16.07
C VAL A 178 7.41 -3.58 -16.61
N GLU A 179 7.81 -3.22 -17.84
CA GLU A 179 7.51 -1.89 -18.44
C GLU A 179 6.53 -2.11 -19.58
N ASN A 180 5.29 -1.63 -19.42
CA ASN A 180 4.16 -1.85 -20.38
C ASN A 180 4.03 -3.35 -20.70
N GLY A 181 4.19 -4.20 -19.68
CA GLY A 181 4.01 -5.64 -19.83
C GLY A 181 5.25 -6.38 -20.33
N ASP A 182 6.35 -5.68 -20.62
CA ASP A 182 7.62 -6.32 -21.05
C ASP A 182 8.68 -6.25 -19.96
N VAL A 183 9.33 -7.38 -19.70
CA VAL A 183 10.41 -7.48 -18.68
C VAL A 183 11.62 -6.73 -19.21
N VAL A 184 12.09 -5.77 -18.44
CA VAL A 184 13.25 -4.91 -18.80
C VAL A 184 14.50 -5.79 -18.75
N GLY A 185 15.24 -5.81 -19.86
CA GLY A 185 16.51 -6.55 -19.98
C GLY A 185 16.30 -8.04 -20.19
N ARG A 186 15.09 -8.48 -20.53
CA ARG A 186 14.82 -9.87 -20.91
C ARG A 186 15.78 -10.25 -22.05
N ASP A 187 15.95 -11.55 -22.29
CA ASP A 187 16.93 -12.13 -23.26
C ASP A 187 16.50 -13.54 -23.62
N PRO A 188 16.21 -13.82 -24.91
CA PRO A 188 15.86 -15.16 -25.37
C PRO A 188 16.93 -16.24 -25.10
N SER A 189 18.19 -15.85 -24.88
CA SER A 189 19.33 -16.76 -24.61
C SER A 189 19.55 -16.95 -23.10
N ASP A 190 18.66 -16.37 -22.26
CA ASP A 190 18.65 -16.54 -20.79
C ASP A 190 17.22 -16.35 -20.30
N PRO A 191 16.27 -17.16 -20.81
CA PRO A 191 14.85 -16.97 -20.52
C PRO A 191 14.48 -17.17 -19.05
N ILE A 192 13.38 -16.54 -18.64
N ILE A 192 13.40 -16.51 -18.62
CA ILE A 192 12.94 -16.44 -17.21
CA ILE A 192 12.94 -16.42 -17.20
C ILE A 192 11.85 -17.46 -16.95
C ILE A 192 11.86 -17.46 -16.96
N GLU A 193 11.95 -18.20 -15.84
CA GLU A 193 10.88 -19.08 -15.34
C GLU A 193 10.70 -18.78 -13.84
N VAL A 194 9.45 -18.83 -13.41
CA VAL A 194 9.02 -18.60 -12.01
C VAL A 194 8.20 -19.80 -11.55
N SER A 195 8.44 -20.29 -10.34
CA SER A 195 7.57 -21.24 -9.63
C SER A 195 7.48 -20.86 -8.14
N TYR A 196 6.28 -20.86 -7.57
CA TYR A 196 6.04 -20.80 -6.12
C TYR A 196 5.78 -22.22 -5.58
N GLU A 197 5.90 -23.23 -6.43
CA GLU A 197 5.58 -24.64 -6.09
C GLU A 197 6.86 -25.39 -5.70
N GLN A 198 7.92 -25.29 -6.49
CA GLN A 198 9.18 -25.99 -6.16
C GLN A 198 10.36 -25.35 -6.91
N ASN A 199 11.56 -25.64 -6.43
CA ASN A 199 12.79 -25.11 -7.04
C ASN A 199 12.98 -25.68 -8.46
N PHE A 200 13.70 -24.94 -9.30
CA PHE A 200 14.18 -25.43 -10.62
C PHE A 200 15.42 -26.28 -10.35
N GLU A 201 15.38 -27.52 -10.82
CA GLU A 201 16.51 -28.48 -10.72
C GLU A 201 17.78 -27.72 -11.08
N GLY A 202 18.82 -27.79 -10.26
CA GLY A 202 20.12 -27.18 -10.56
C GLY A 202 20.29 -25.77 -10.01
N GLU A 203 19.21 -25.06 -9.64
CA GLU A 203 19.28 -23.64 -9.23
C GLU A 203 19.54 -23.54 -7.73
N PRO A 204 20.45 -22.64 -7.30
CA PRO A 204 20.72 -22.43 -5.89
C PRO A 204 19.50 -21.88 -5.14
N THR A 205 19.36 -22.28 -3.88
CA THR A 205 18.37 -21.72 -2.93
C THR A 205 19.15 -21.18 -1.74
N ALA A 206 18.47 -20.41 -0.90
CA ALA A 206 18.96 -19.95 0.41
C ALA A 206 19.39 -21.15 1.27
N ILE A 207 18.70 -22.29 1.14
CA ILE A 207 18.98 -23.51 1.96
C ILE A 207 20.18 -24.25 1.35
N SER A 208 20.25 -24.41 0.03
CA SER A 208 21.36 -25.15 -0.61
C SER A 208 22.67 -24.34 -0.51
N ASN A 209 22.61 -23.00 -0.55
CA ASN A 209 23.80 -22.13 -0.71
C ASN A 209 23.74 -20.95 0.24
N PRO A 210 23.66 -21.20 1.56
CA PRO A 210 23.55 -20.13 2.55
C PRO A 210 24.76 -19.17 2.51
N GLU A 211 25.90 -19.61 1.94
CA GLU A 211 27.10 -18.76 1.84
C GLU A 211 26.84 -17.56 0.90
N MET A 212 25.87 -17.67 0.00
CA MET A 212 25.56 -16.60 -0.99
C MET A 212 24.73 -15.48 -0.35
N LEU A 213 24.34 -15.57 0.92
CA LEU A 213 23.39 -14.58 1.52
C LEU A 213 24.15 -13.42 2.14
N LYS A 214 23.82 -12.18 1.76
CA LYS A 214 24.30 -10.98 2.52
C LYS A 214 23.26 -10.52 3.52
N MET A 215 22.00 -10.98 3.40
CA MET A 215 20.94 -10.73 4.40
C MET A 215 20.36 -12.09 4.75
N GLN A 216 20.27 -12.40 6.04
CA GLN A 216 19.74 -13.70 6.52
C GLN A 216 18.21 -13.60 6.55
N TRP A 217 17.51 -14.68 6.19
CA TRP A 217 16.05 -14.80 6.43
C TRP A 217 15.84 -15.15 7.90
N ALA A 218 14.74 -14.65 8.46
CA ALA A 218 14.30 -14.95 9.85
C ALA A 218 13.18 -15.98 9.75
N HIS A 219 12.20 -15.79 8.87
CA HIS A 219 11.17 -16.82 8.61
C HIS A 219 10.76 -16.71 7.14
N GLY A 220 10.51 -17.85 6.49
CA GLY A 220 10.29 -17.90 5.03
C GLY A 220 11.43 -17.21 4.30
N HIS A 221 11.17 -16.61 3.14
CA HIS A 221 12.16 -15.77 2.41
C HIS A 221 13.42 -16.61 2.15
N ASN A 222 13.25 -17.89 1.82
CA ASN A 222 14.39 -18.83 1.81
C ASN A 222 14.35 -19.67 0.52
N ASN A 223 13.84 -19.08 -0.58
CA ASN A 223 13.76 -19.75 -1.90
C ASN A 223 14.92 -19.26 -2.77
N SER A 224 14.69 -18.62 -3.92
CA SER A 224 15.78 -18.16 -4.83
C SER A 224 16.57 -17.03 -4.17
N ILE A 225 17.81 -16.86 -4.60
CA ILE A 225 18.71 -15.76 -4.10
C ILE A 225 18.99 -14.81 -5.27
N VAL A 226 18.83 -13.52 -5.01
CA VAL A 226 19.03 -12.46 -6.03
C VAL A 226 19.73 -11.30 -5.32
N ASN A 227 20.89 -10.89 -5.85
CA ASN A 227 21.62 -9.74 -5.29
C ASN A 227 21.95 -10.04 -3.82
N GLY A 228 22.22 -11.32 -3.50
CA GLY A 228 22.62 -11.75 -2.14
C GLY A 228 21.46 -11.77 -1.15
N ILE A 229 20.24 -11.60 -1.64
CA ILE A 229 19.06 -11.50 -0.74
C ILE A 229 18.10 -12.59 -1.13
N PRO A 230 17.75 -13.47 -0.17
CA PRO A 230 16.89 -14.61 -0.47
C PRO A 230 15.45 -14.11 -0.55
N ARG A 231 14.65 -14.75 -1.39
CA ARG A 231 13.31 -14.27 -1.80
C ARG A 231 12.26 -15.34 -1.53
N ILE A 232 11.00 -14.92 -1.64
CA ILE A 232 9.80 -15.80 -1.70
C ILE A 232 9.61 -16.24 -3.14
N GLY A 233 9.62 -17.54 -3.36
CA GLY A 233 9.40 -18.14 -4.69
C GLY A 233 10.71 -18.39 -5.38
N TYR A 234 10.64 -19.16 -6.47
CA TYR A 234 11.81 -19.67 -7.21
C TYR A 234 11.82 -19.03 -8.59
N MET A 235 13.02 -18.63 -9.00
CA MET A 235 13.24 -17.97 -10.30
C MET A 235 14.45 -18.62 -10.99
N LYS A 236 14.30 -18.90 -12.29
CA LYS A 236 15.42 -19.32 -13.17
C LYS A 236 15.57 -18.28 -14.30
N GLY A 237 16.83 -18.01 -14.70
CA GLY A 237 17.19 -17.25 -15.92
C GLY A 237 17.08 -15.74 -15.74
N GLY A 238 17.13 -14.97 -16.82
CA GLY A 238 17.13 -13.48 -16.81
C GLY A 238 18.16 -12.86 -15.88
N LYS A 239 19.44 -13.29 -15.97
CA LYS A 239 20.56 -12.65 -15.24
C LYS A 239 20.54 -11.14 -15.50
N LYS A 240 20.30 -10.75 -16.76
CA LYS A 240 20.35 -9.32 -17.21
C LYS A 240 19.19 -8.54 -16.56
N ALA A 241 18.00 -9.15 -16.47
CA ALA A 241 16.75 -8.51 -15.97
C ALA A 241 16.75 -8.39 -14.44
N ARG A 242 17.59 -9.14 -13.72
CA ARG A 242 17.49 -9.20 -12.24
C ARG A 242 17.82 -7.83 -11.66
N TRP A 243 16.99 -7.34 -10.75
CA TRP A 243 17.13 -5.96 -10.21
C TRP A 243 18.23 -5.93 -9.16
N LYS A 244 18.73 -4.73 -8.83
CA LYS A 244 19.61 -4.48 -7.69
C LYS A 244 18.89 -3.57 -6.68
N ASP A 245 18.60 -4.10 -5.51
CA ASP A 245 17.69 -3.51 -4.51
C ASP A 245 18.17 -2.11 -4.12
N GLU A 246 19.48 -1.93 -3.98
CA GLU A 246 20.05 -0.66 -3.50
C GLU A 246 19.84 0.47 -4.52
N ASP A 247 19.60 0.15 -5.79
CA ASP A 247 19.36 1.14 -6.90
C ASP A 247 17.89 1.22 -7.29
N MET A 248 16.98 0.51 -6.58
CA MET A 248 15.54 0.46 -6.93
C MET A 248 14.88 1.83 -6.73
N ALA A 249 15.11 2.51 -5.60
CA ALA A 249 14.54 3.84 -5.29
C ALA A 249 14.90 4.83 -6.42
N ASP A 250 16.17 4.84 -6.86
CA ASP A 250 16.73 5.72 -7.93
C ASP A 250 16.10 5.35 -9.27
N TYR A 251 15.91 4.06 -9.54
CA TYR A 251 15.39 3.60 -10.84
C TYR A 251 13.94 4.07 -11.02
N PHE A 252 13.10 3.97 -9.99
CA PHE A 252 11.69 4.40 -10.07
C PHE A 252 11.61 5.94 -10.09
N VAL A 253 12.44 6.64 -9.32
CA VAL A 253 12.53 8.12 -9.33
C VAL A 253 12.82 8.59 -10.76
N ASP A 254 13.76 7.95 -11.47
N ASP A 254 13.78 7.95 -11.44
CA ASP A 254 14.13 8.30 -12.86
CA ASP A 254 14.17 8.22 -12.85
C ASP A 254 12.97 8.00 -13.81
C ASP A 254 12.94 8.05 -13.76
N LYS A 255 12.24 6.92 -13.63
CA LYS A 255 11.06 6.61 -14.47
C LYS A 255 9.96 7.66 -14.22
N VAL A 256 9.81 8.11 -12.98
CA VAL A 256 8.79 9.14 -12.61
C VAL A 256 9.13 10.46 -13.31
N LYS A 257 10.38 10.90 -13.24
CA LYS A 257 10.89 12.14 -13.90
C LYS A 257 10.72 12.02 -15.42
N ASN A 258 11.01 10.87 -16.00
CA ASN A 258 10.82 10.66 -17.46
C ASN A 258 9.34 10.83 -17.82
N PHE A 259 8.45 10.26 -17.02
CA PHE A 259 6.98 10.30 -17.26
C PHE A 259 6.48 11.76 -17.20
N ILE A 260 6.85 12.48 -16.15
CA ILE A 260 6.45 13.91 -15.95
C ILE A 260 6.93 14.75 -17.15
N THR A 261 8.21 14.70 -17.49
CA THR A 261 8.78 15.49 -18.60
C THR A 261 8.07 15.11 -19.89
N GLU A 262 7.85 13.83 -20.16
CA GLU A 262 7.17 13.39 -21.40
C GLU A 262 5.77 14.01 -21.46
N HIS A 263 5.11 14.24 -20.32
CA HIS A 263 3.67 14.62 -20.32
C HIS A 263 3.43 15.99 -19.67
N ARG A 264 4.48 16.81 -19.53
N ARG A 264 4.47 16.81 -19.54
CA ARG A 264 4.42 18.11 -18.80
CA ARG A 264 4.40 18.09 -18.77
C ARG A 264 3.33 19.01 -19.41
C ARG A 264 3.36 19.02 -19.41
N ASP A 265 3.11 18.92 -20.73
CA ASP A 265 2.19 19.82 -21.48
C ASP A 265 0.76 19.26 -21.42
N SER A 266 0.56 18.08 -20.82
CA SER A 266 -0.76 17.38 -20.75
C SER A 266 -1.22 17.31 -19.30
N SER A 267 -2.46 16.91 -19.08
CA SER A 267 -2.95 16.50 -17.75
C SER A 267 -2.54 15.03 -17.56
N PHE A 268 -1.87 14.70 -16.46
CA PHE A 268 -1.45 13.31 -16.18
C PHE A 268 -1.95 12.89 -14.78
N PHE A 269 -2.23 11.59 -14.69
CA PHE A 269 -2.52 10.88 -13.42
C PHE A 269 -1.37 9.90 -13.21
N LEU A 270 -0.57 10.09 -12.18
CA LEU A 270 0.52 9.13 -11.85
C LEU A 270 0.20 8.39 -10.54
N TYR A 271 0.25 7.06 -10.61
CA TYR A 271 0.22 6.15 -9.44
C TYR A 271 1.67 5.73 -9.17
N TYR A 272 2.23 6.19 -8.07
CA TYR A 272 3.65 6.00 -7.69
C TYR A 272 3.68 5.11 -6.44
N GLY A 273 4.03 3.84 -6.64
CA GLY A 273 4.08 2.82 -5.58
C GLY A 273 5.49 2.62 -5.03
N LEU A 274 5.83 3.33 -3.96
CA LEU A 274 7.15 3.22 -3.27
C LEU A 274 7.24 1.82 -2.66
N HIS A 275 8.43 1.22 -2.64
CA HIS A 275 8.64 -0.15 -2.08
C HIS A 275 8.99 -0.03 -0.60
N GLU A 276 9.33 1.17 -0.12
CA GLU A 276 9.83 1.31 1.28
C GLU A 276 8.65 1.54 2.23
N PRO A 277 8.77 1.09 3.51
CA PRO A 277 9.86 0.21 3.95
C PRO A 277 9.58 -1.30 3.95
N HIS A 278 9.06 -1.83 2.85
CA HIS A 278 8.81 -3.28 2.68
C HIS A 278 10.14 -4.02 2.65
N VAL A 279 10.16 -5.19 3.26
CA VAL A 279 11.33 -6.11 3.21
C VAL A 279 11.51 -6.62 1.78
N PRO A 280 12.78 -6.88 1.35
CA PRO A 280 13.96 -6.54 2.14
C PRO A 280 14.27 -5.04 2.16
N ARG A 281 14.66 -4.51 3.32
CA ARG A 281 15.10 -3.10 3.42
C ARG A 281 16.58 -3.06 3.07
N ALA A 282 16.85 -2.82 1.80
CA ALA A 282 18.21 -2.73 1.21
C ALA A 282 18.29 -1.38 0.46
N PRO A 283 18.25 -0.26 1.19
CA PRO A 283 18.24 1.07 0.57
C PRO A 283 19.61 1.42 -0.04
N HIS A 284 19.66 2.45 -0.88
CA HIS A 284 20.96 2.91 -1.46
C HIS A 284 21.97 3.18 -0.33
N GLN A 285 23.23 2.90 -0.60
CA GLN A 285 24.38 3.16 0.31
C GLN A 285 24.25 4.52 1.05
N ARG A 286 23.86 5.59 0.35
N ARG A 286 23.85 5.59 0.36
CA ARG A 286 23.85 6.99 0.90
CA ARG A 286 23.89 6.98 0.91
C ARG A 286 22.87 7.13 2.07
C ARG A 286 22.83 7.17 2.01
N PHE A 287 21.87 6.24 2.17
CA PHE A 287 20.84 6.28 3.24
C PHE A 287 21.24 5.41 4.44
N VAL A 288 22.25 4.54 4.28
CA VAL A 288 22.71 3.60 5.34
C VAL A 288 23.30 4.44 6.47
N GLY A 289 22.77 4.27 7.68
CA GLY A 289 23.23 4.99 8.88
C GLY A 289 22.56 6.34 9.11
N LYS A 290 21.61 6.75 8.25
CA LYS A 290 20.87 8.03 8.44
C LYS A 290 20.05 7.94 9.72
N THR A 291 19.67 6.72 10.10
CA THR A 291 18.91 6.45 11.33
C THR A 291 19.74 5.51 12.20
N THR A 292 19.23 5.38 13.41
CA THR A 292 19.66 4.57 14.57
C THR A 292 18.90 3.23 14.55
N MET A 293 18.02 3.02 13.57
CA MET A 293 17.01 1.92 13.59
C MET A 293 17.33 0.86 12.51
N GLY A 294 18.53 0.90 11.93
CA GLY A 294 18.99 -0.09 10.93
C GLY A 294 18.24 0.07 9.61
N PRO A 295 18.37 -0.92 8.71
CA PRO A 295 17.72 -0.92 7.40
C PRO A 295 16.25 -0.44 7.39
N ARG A 296 15.45 -0.77 8.40
CA ARG A 296 14.02 -0.32 8.42
C ARG A 296 14.00 1.22 8.41
N GLY A 297 14.66 1.88 9.37
CA GLY A 297 14.68 3.35 9.48
C GLY A 297 15.26 3.96 8.22
N ASP A 298 16.37 3.40 7.78
CA ASP A 298 17.11 3.92 6.62
C ASP A 298 16.23 3.84 5.36
N ALA A 299 15.39 2.82 5.22
CA ALA A 299 14.47 2.67 4.07
C ALA A 299 13.40 3.78 4.12
N ILE A 300 12.92 4.14 5.32
CA ILE A 300 11.93 5.24 5.45
C ILE A 300 12.59 6.54 4.98
N VAL A 301 13.82 6.85 5.42
CA VAL A 301 14.48 8.11 4.97
C VAL A 301 14.69 8.02 3.45
N GLU A 302 14.98 6.83 2.92
CA GLU A 302 15.07 6.64 1.45
C GLU A 302 13.74 7.05 0.80
N ALA A 303 12.60 6.56 1.31
CA ALA A 303 11.27 6.90 0.75
C ALA A 303 11.07 8.42 0.83
N ASP A 304 11.45 9.04 1.95
CA ASP A 304 11.24 10.50 2.18
C ASP A 304 12.04 11.27 1.13
N TRP A 305 13.23 10.78 0.81
CA TRP A 305 14.13 11.37 -0.21
C TRP A 305 13.46 11.26 -1.58
N CYS A 306 12.83 10.12 -1.88
CA CYS A 306 12.08 9.94 -3.16
C CYS A 306 10.99 11.00 -3.26
N VAL A 307 10.27 11.24 -2.17
CA VAL A 307 9.14 12.22 -2.13
C VAL A 307 9.72 13.63 -2.36
N GLY A 308 10.81 13.97 -1.67
CA GLY A 308 11.57 15.23 -1.84
C GLY A 308 12.02 15.41 -3.26
N GLU A 309 12.51 14.36 -3.90
CA GLU A 309 13.00 14.44 -5.30
C GLU A 309 11.83 14.71 -6.24
N LEU A 310 10.68 14.08 -5.99
CA LEU A 310 9.44 14.32 -6.77
C LEU A 310 9.05 15.81 -6.69
N LEU A 311 8.97 16.37 -5.48
CA LEU A 311 8.54 17.77 -5.23
C LEU A 311 9.54 18.73 -5.91
N THR A 312 10.83 18.51 -5.71
CA THR A 312 11.90 19.29 -6.39
C THR A 312 11.67 19.26 -7.89
N TYR A 313 11.41 18.10 -8.48
CA TYR A 313 11.28 17.95 -9.95
C TYR A 313 10.02 18.63 -10.45
N LEU A 314 8.92 18.53 -9.71
CA LEU A 314 7.66 19.23 -10.07
C LEU A 314 7.91 20.75 -10.09
N LYS A 315 8.57 21.31 -9.06
CA LYS A 315 8.98 22.75 -9.00
C LYS A 315 9.81 23.09 -10.24
N LYS A 316 10.80 22.27 -10.56
CA LYS A 316 11.69 22.47 -11.74
C LYS A 316 10.84 22.55 -13.02
N GLU A 317 9.79 21.73 -13.13
N GLU A 317 9.81 21.71 -13.15
CA GLU A 317 8.97 21.62 -14.36
CA GLU A 317 8.97 21.62 -14.39
C GLU A 317 7.87 22.68 -14.33
C GLU A 317 7.86 22.67 -14.33
N GLY A 318 7.73 23.38 -13.20
CA GLY A 318 6.73 24.44 -13.01
C GLY A 318 5.33 23.88 -12.83
N LEU A 319 5.20 22.68 -12.25
CA LEU A 319 3.91 21.95 -12.19
C LEU A 319 3.37 21.90 -10.77
N LEU A 320 4.07 22.44 -9.77
CA LEU A 320 3.65 22.19 -8.36
C LEU A 320 2.24 22.72 -8.17
N GLU A 321 1.98 23.94 -8.65
CA GLU A 321 0.73 24.70 -8.41
C GLU A 321 -0.42 24.11 -9.23
N LYS A 322 -0.17 23.24 -10.20
CA LYS A 322 -1.26 22.54 -10.93
C LYS A 322 -1.21 21.02 -10.72
N THR A 323 -0.65 20.54 -9.60
CA THR A 323 -0.58 19.09 -9.28
C THR A 323 -1.18 18.82 -7.90
N LEU A 324 -2.29 18.06 -7.86
CA LEU A 324 -2.85 17.47 -6.63
C LEU A 324 -2.04 16.22 -6.26
N ILE A 325 -1.49 16.21 -5.04
CA ILE A 325 -0.67 15.10 -4.48
C ILE A 325 -1.41 14.44 -3.32
N ILE A 326 -1.64 13.14 -3.41
CA ILE A 326 -2.18 12.33 -2.29
C ILE A 326 -1.06 11.39 -1.83
N PHE A 327 -0.60 11.52 -0.58
CA PHE A 327 0.40 10.58 -0.01
C PHE A 327 -0.26 9.67 1.03
N SER A 328 -0.01 8.37 0.91
CA SER A 328 -0.53 7.42 1.92
C SER A 328 0.30 6.13 1.96
N SER A 329 -0.21 5.13 2.68
CA SER A 329 0.44 3.81 2.87
C SER A 329 -0.61 2.74 2.61
N ASP A 330 -0.22 1.60 2.04
CA ASP A 330 -1.16 0.50 1.74
C ASP A 330 -1.71 -0.14 3.02
N ASN A 331 -0.94 -0.17 4.13
CA ASN A 331 -1.32 -0.91 5.36
C ASN A 331 -0.39 -0.48 6.50
N GLY A 332 -0.68 -0.95 7.71
CA GLY A 332 0.06 -0.61 8.94
C GLY A 332 1.44 -1.27 8.99
N PRO A 333 2.21 -0.98 10.05
CA PRO A 333 3.62 -1.36 10.08
C PRO A 333 3.94 -2.71 10.70
N VAL A 334 5.20 -3.07 10.55
CA VAL A 334 5.80 -4.37 11.00
C VAL A 334 7.28 -4.14 11.22
N LEU A 335 7.82 -4.68 12.30
CA LEU A 335 9.29 -4.66 12.51
C LEU A 335 9.89 -5.86 11.77
N ASN A 336 9.90 -7.03 12.40
CA ASN A 336 10.45 -8.26 11.78
C ASN A 336 9.40 -8.81 10.80
N ASP A 337 9.62 -8.66 9.50
CA ASP A 337 8.68 -9.21 8.48
C ASP A 337 9.40 -10.26 7.61
N GLY A 338 10.43 -10.92 8.15
CA GLY A 338 10.98 -12.13 7.50
C GLY A 338 12.50 -12.15 7.37
N TYR A 339 13.20 -11.06 7.66
CA TYR A 339 14.68 -10.97 7.52
C TYR A 339 15.30 -10.59 8.86
N LYS A 340 16.56 -11.02 9.06
CA LYS A 340 17.37 -10.63 10.24
C LYS A 340 18.02 -9.28 9.88
N ASP A 341 17.24 -8.20 9.96
CA ASP A 341 17.66 -6.85 9.51
C ASP A 341 17.73 -5.92 10.72
N GLY A 342 17.62 -6.44 11.93
CA GLY A 342 17.80 -5.64 13.15
C GLY A 342 16.60 -4.77 13.51
N ALA A 343 15.46 -4.91 12.82
CA ALA A 343 14.30 -4.00 13.00
C ALA A 343 13.81 -4.03 14.45
N PRO A 344 13.55 -5.20 15.08
CA PRO A 344 13.06 -5.19 16.46
C PRO A 344 14.17 -4.76 17.43
N GLU A 345 15.40 -5.17 17.18
CA GLU A 345 16.54 -4.89 18.10
C GLU A 345 16.85 -3.39 18.11
N LEU A 346 16.71 -2.70 16.96
CA LEU A 346 17.17 -1.30 16.80
C LEU A 346 15.99 -0.30 16.83
N ALA A 347 14.74 -0.74 17.01
CA ALA A 347 13.54 0.14 17.07
C ALA A 347 13.63 1.10 18.27
N GLY A 348 14.18 0.65 19.40
CA GLY A 348 14.26 1.48 20.62
C GLY A 348 12.88 1.94 21.02
N LYS A 349 12.69 3.24 21.27
CA LYS A 349 11.41 3.82 21.73
C LYS A 349 10.48 4.06 20.52
N HIS A 350 10.92 3.81 19.29
CA HIS A 350 10.13 4.12 18.07
C HIS A 350 8.91 3.20 18.03
N ALA A 351 7.71 3.77 18.06
CA ALA A 351 6.41 3.04 17.95
C ALA A 351 5.88 3.21 16.53
N PRO A 352 6.08 2.23 15.63
CA PRO A 352 5.74 2.43 14.22
C PRO A 352 4.25 2.68 13.96
N ALA A 353 3.34 2.22 14.81
CA ALA A 353 1.88 2.46 14.65
C ALA A 353 1.44 3.66 15.50
N GLY A 354 2.41 4.40 16.03
CA GLY A 354 2.24 5.72 16.69
C GLY A 354 1.20 5.69 17.78
N GLY A 355 1.14 4.62 18.58
CA GLY A 355 0.23 4.54 19.75
C GLY A 355 -0.99 3.69 19.45
N LEU A 356 -1.24 3.35 18.19
CA LEU A 356 -2.36 2.45 17.81
C LEU A 356 -1.95 1.01 18.15
N ARG A 357 -2.93 0.17 18.41
CA ARG A 357 -2.74 -1.26 18.68
C ARG A 357 -2.56 -1.99 17.34
N GLY A 358 -1.79 -3.08 17.36
CA GLY A 358 -1.56 -3.93 16.18
C GLY A 358 -0.68 -3.25 15.17
N GLY A 359 -0.96 -3.45 13.89
CA GLY A 359 -0.03 -3.09 12.82
C GLY A 359 -0.40 -3.85 11.58
N LYS A 360 0.53 -4.02 10.68
CA LYS A 360 0.32 -4.90 9.52
C LYS A 360 -0.30 -6.23 9.96
N TYR A 361 -1.25 -6.76 9.20
CA TYR A 361 -1.93 -8.06 9.42
C TYR A 361 -2.99 -7.98 10.53
N SER A 362 -3.13 -6.85 11.22
CA SER A 362 -4.05 -6.75 12.38
C SER A 362 -5.42 -6.21 12.00
N LEU A 363 -6.44 -6.73 12.66
CA LEU A 363 -7.81 -6.18 12.64
C LEU A 363 -7.90 -5.05 13.66
N PHE A 364 -6.91 -4.90 14.54
CA PHE A 364 -6.81 -3.69 15.39
C PHE A 364 -6.52 -2.48 14.49
N ASP A 365 -6.70 -1.27 15.03
CA ASP A 365 -6.71 -0.01 14.24
C ASP A 365 -5.37 0.24 13.54
N GLY A 366 -4.23 -0.16 14.13
CA GLY A 366 -2.91 0.06 13.51
C GLY A 366 -2.75 -0.66 12.16
N GLY A 367 -3.64 -1.59 11.82
CA GLY A 367 -3.57 -2.28 10.51
C GLY A 367 -3.99 -1.40 9.35
N THR A 368 -5.04 -0.59 9.53
CA THR A 368 -5.69 0.17 8.41
C THR A 368 -5.54 1.68 8.59
N HIS A 369 -5.31 2.17 9.80
CA HIS A 369 -5.28 3.62 10.11
C HIS A 369 -3.87 4.11 9.81
N ILE A 370 -3.70 4.86 8.73
CA ILE A 370 -2.37 5.12 8.13
C ILE A 370 -2.22 6.62 7.94
N PRO A 371 -0.98 7.09 7.69
CA PRO A 371 -0.78 8.47 7.26
C PRO A 371 -1.54 8.75 5.96
N LEU A 372 -2.14 9.93 5.87
CA LEU A 372 -2.85 10.38 4.66
C LEU A 372 -2.79 11.90 4.60
N PHE A 373 -2.14 12.41 3.55
CA PHE A 373 -1.95 13.86 3.30
C PHE A 373 -2.45 14.16 1.89
N VAL A 374 -3.17 15.28 1.74
CA VAL A 374 -3.60 15.80 0.42
C VAL A 374 -3.11 17.25 0.28
N TYR A 375 -2.36 17.47 -0.79
CA TYR A 375 -1.53 18.67 -1.01
C TYR A 375 -1.75 19.19 -2.44
N TRP A 376 -2.03 20.49 -2.56
CA TRP A 376 -2.17 21.21 -3.85
C TRP A 376 -1.71 22.66 -3.65
N LYS A 377 -0.46 22.95 -4.02
CA LYS A 377 0.19 24.21 -3.58
C LYS A 377 -0.55 25.38 -4.21
N GLY A 378 -1.01 26.32 -3.37
CA GLY A 378 -1.69 27.55 -3.80
C GLY A 378 -3.19 27.33 -3.93
N LYS A 379 -3.69 26.10 -3.80
CA LYS A 379 -5.14 25.81 -3.98
C LYS A 379 -5.71 25.31 -2.65
N ILE A 380 -5.19 24.22 -2.12
CA ILE A 380 -5.64 23.69 -0.80
C ILE A 380 -4.96 24.54 0.27
N GLN A 381 -5.72 25.06 1.21
N GLN A 381 -5.74 25.06 1.21
CA GLN A 381 -5.16 25.79 2.37
CA GLN A 381 -5.27 25.76 2.43
C GLN A 381 -4.85 24.77 3.47
C GLN A 381 -4.84 24.72 3.46
N PRO A 382 -3.67 24.87 4.11
CA PRO A 382 -3.28 23.99 5.21
C PRO A 382 -4.37 23.80 6.26
N VAL A 383 -4.66 22.52 6.58
N VAL A 383 -4.65 22.54 6.61
CA VAL A 383 -5.74 22.08 7.51
CA VAL A 383 -5.65 22.20 7.66
C VAL A 383 -5.32 20.76 8.19
C VAL A 383 -5.42 20.77 8.16
N LYS A 384 -5.72 20.55 9.44
CA LYS A 384 -5.68 19.21 10.09
C LYS A 384 -7.12 18.76 10.21
N SER A 385 -7.51 17.71 9.50
CA SER A 385 -8.88 17.15 9.47
C SER A 385 -8.98 15.84 10.25
N ASP A 386 -10.01 15.68 11.07
CA ASP A 386 -10.41 14.42 11.74
C ASP A 386 -11.48 13.68 10.91
N ALA A 387 -11.76 14.10 9.69
CA ALA A 387 -12.77 13.45 8.81
C ALA A 387 -12.38 11.98 8.64
N LEU A 388 -13.35 11.07 8.80
CA LEU A 388 -13.17 9.64 8.50
C LEU A 388 -13.17 9.48 6.97
N VAL A 389 -11.99 9.32 6.39
CA VAL A 389 -11.80 9.16 4.92
C VAL A 389 -11.03 7.87 4.64
N CYS A 390 -11.27 7.30 3.46
CA CYS A 390 -10.65 6.04 2.99
C CYS A 390 -10.11 6.24 1.59
N GLN A 391 -8.97 5.62 1.31
CA GLN A 391 -8.33 5.55 -0.02
C GLN A 391 -9.33 5.09 -1.08
N MET A 392 -10.22 4.16 -0.73
CA MET A 392 -11.25 3.62 -1.66
C MET A 392 -12.13 4.76 -2.22
N ASP A 393 -12.28 5.87 -1.46
CA ASP A 393 -13.11 7.05 -1.86
C ASP A 393 -12.45 7.92 -2.93
N LEU A 394 -11.17 7.69 -3.28
CA LEU A 394 -10.47 8.59 -4.21
C LEU A 394 -11.11 8.52 -5.60
N LEU A 395 -11.55 7.34 -6.01
CA LEU A 395 -12.12 7.15 -7.38
C LEU A 395 -13.36 8.05 -7.50
N ALA A 396 -14.34 7.96 -6.60
CA ALA A 396 -15.58 8.76 -6.73
C ALA A 396 -15.27 10.24 -6.47
N SER A 397 -14.37 10.53 -5.54
CA SER A 397 -14.02 11.93 -5.18
C SER A 397 -13.29 12.62 -6.33
N LEU A 398 -12.27 11.99 -6.89
CA LEU A 398 -11.56 12.49 -8.09
C LEU A 398 -12.53 12.53 -9.30
N GLY A 399 -13.39 11.54 -9.43
CA GLY A 399 -14.46 11.51 -10.47
C GLY A 399 -15.28 12.79 -10.46
N SER A 400 -15.73 13.22 -9.27
CA SER A 400 -16.49 14.49 -9.09
C SER A 400 -15.64 15.66 -9.58
N MET A 401 -14.36 15.70 -9.19
CA MET A 401 -13.44 16.81 -9.56
C MET A 401 -13.31 16.92 -11.08
N VAL A 402 -13.17 15.81 -11.80
CA VAL A 402 -12.84 15.88 -13.26
C VAL A 402 -14.07 15.65 -14.14
N GLY A 403 -15.27 15.55 -13.55
CA GLY A 403 -16.55 15.47 -14.26
C GLY A 403 -16.80 14.10 -14.89
N ALA A 404 -16.43 13.02 -14.20
CA ALA A 404 -16.68 11.64 -14.65
C ALA A 404 -18.17 11.30 -14.50
N THR A 405 -18.66 10.41 -15.36
CA THR A 405 -19.93 9.66 -15.21
C THR A 405 -19.62 8.28 -14.63
N LEU A 406 -19.72 8.13 -13.31
CA LEU A 406 -19.42 6.88 -12.54
C LEU A 406 -20.48 5.82 -12.86
N PRO A 407 -20.10 4.54 -13.04
CA PRO A 407 -21.11 3.49 -13.10
C PRO A 407 -21.72 3.34 -11.70
N ASP A 408 -22.90 2.74 -11.65
CA ASP A 408 -23.52 2.30 -10.37
C ASP A 408 -22.68 1.15 -9.83
N GLY A 409 -22.74 0.89 -8.53
CA GLY A 409 -22.27 -0.37 -7.95
C GLY A 409 -20.91 -0.22 -7.30
N LEU A 410 -20.36 0.98 -7.21
CA LEU A 410 -19.05 1.18 -6.52
C LEU A 410 -19.31 1.39 -5.01
N ASP A 411 -18.36 0.98 -4.19
CA ASP A 411 -18.30 1.32 -2.75
C ASP A 411 -17.77 2.74 -2.58
N SER A 412 -16.90 3.17 -3.49
CA SER A 412 -16.28 4.52 -3.50
C SER A 412 -17.36 5.58 -3.29
N ARG A 413 -17.16 6.48 -2.33
CA ARG A 413 -18.05 7.62 -2.06
C ARG A 413 -17.36 8.94 -2.41
N ASN A 414 -18.14 9.87 -2.95
CA ASN A 414 -17.67 11.23 -3.26
C ASN A 414 -17.52 12.04 -1.95
N TYR A 415 -16.28 12.26 -1.53
CA TYR A 415 -15.92 13.16 -0.41
C TYR A 415 -14.85 14.15 -0.88
N LEU A 416 -14.97 14.64 -2.12
CA LEU A 416 -14.00 15.61 -2.71
C LEU A 416 -13.74 16.75 -1.71
N ASN A 417 -14.79 17.36 -1.18
CA ASN A 417 -14.67 18.54 -0.30
C ASN A 417 -13.84 18.18 0.94
N ALA A 418 -14.05 17.01 1.55
CA ALA A 418 -13.28 16.55 2.73
C ALA A 418 -11.82 16.39 2.33
N PHE A 419 -11.57 15.79 1.16
CA PHE A 419 -10.20 15.57 0.63
C PHE A 419 -9.51 16.91 0.37
N MET A 420 -10.25 17.96 -0.02
CA MET A 420 -9.71 19.33 -0.28
C MET A 420 -9.62 20.12 1.05
N GLY A 421 -10.18 19.60 2.14
CA GLY A 421 -10.13 20.22 3.48
C GLY A 421 -11.15 21.35 3.65
N THR A 422 -12.12 21.42 2.73
N THR A 422 -12.14 21.46 2.75
CA THR A 422 -13.22 22.42 2.68
CA THR A 422 -13.20 22.51 2.82
C THR A 422 -14.31 22.02 3.67
C THR A 422 -14.38 22.02 3.63
N GLU A 423 -14.44 20.70 3.91
CA GLU A 423 -15.45 20.10 4.84
C GLU A 423 -14.71 19.16 5.79
N LEU A 424 -15.11 19.17 7.07
CA LEU A 424 -14.35 18.49 8.15
C LEU A 424 -15.04 17.17 8.51
N LYS A 425 -16.16 16.83 7.88
CA LYS A 425 -16.85 15.52 8.00
C LYS A 425 -16.89 14.83 6.63
N ALA A 426 -16.74 13.50 6.62
CA ALA A 426 -16.91 12.63 5.43
C ALA A 426 -17.72 11.41 5.85
N ARG A 427 -17.09 10.24 6.01
CA ARG A 427 -17.82 8.98 6.31
C ARG A 427 -18.37 9.00 7.74
N GLU A 428 -19.58 8.45 7.92
N GLU A 428 -19.54 8.39 7.91
CA GLU A 428 -20.10 8.03 9.24
CA GLU A 428 -20.16 8.01 9.20
C GLU A 428 -19.42 6.71 9.65
C GLU A 428 -19.65 6.63 9.64
N ASN A 429 -19.20 5.81 8.68
CA ASN A 429 -18.73 4.44 8.98
C ASN A 429 -17.86 3.90 7.85
N LEU A 430 -17.08 2.89 8.18
CA LEU A 430 -16.11 2.23 7.30
C LEU A 430 -15.96 0.79 7.77
N ILE A 431 -15.95 -0.16 6.83
N ILE A 431 -15.95 -0.16 6.83
CA ILE A 431 -15.55 -1.56 7.13
CA ILE A 431 -15.56 -1.58 7.09
C ILE A 431 -14.03 -1.62 7.00
C ILE A 431 -14.05 -1.67 6.97
N ILE A 432 -13.40 -2.33 7.92
CA ILE A 432 -11.93 -2.63 7.88
C ILE A 432 -11.70 -4.15 7.71
N GLU A 433 -10.56 -4.53 7.16
CA GLU A 433 -10.31 -5.94 6.81
C GLU A 433 -8.86 -6.29 7.18
N ALA A 434 -8.67 -7.51 7.68
CA ALA A 434 -7.34 -8.12 7.96
C ALA A 434 -7.37 -9.57 7.49
N GLN A 435 -6.84 -9.87 6.29
CA GLN A 435 -6.75 -11.24 5.71
C GLN A 435 -8.10 -11.97 5.85
N GLY A 436 -9.19 -11.34 5.44
CA GLY A 436 -10.52 -11.99 5.32
C GLY A 436 -11.39 -11.72 6.54
N ARG A 437 -10.78 -11.28 7.64
CA ARG A 437 -11.53 -10.94 8.88
C ARG A 437 -11.97 -9.48 8.78
N LEU A 438 -13.23 -9.19 9.09
CA LEU A 438 -13.83 -7.85 8.93
C LEU A 438 -14.22 -7.28 10.30
N GLY A 439 -14.15 -5.95 10.40
CA GLY A 439 -14.58 -5.11 11.54
C GLY A 439 -15.21 -3.82 11.07
N TYR A 440 -15.60 -2.94 11.99
CA TYR A 440 -16.49 -1.79 11.69
C TYR A 440 -16.07 -0.57 12.48
N ARG A 441 -15.78 0.53 11.79
CA ARG A 441 -15.63 1.86 12.40
C ARG A 441 -16.90 2.65 12.12
N SER A 442 -17.46 3.27 13.15
CA SER A 442 -18.65 4.15 13.04
C SER A 442 -18.47 5.31 14.02
N GLY A 443 -18.18 6.50 13.49
CA GLY A 443 -17.82 7.69 14.28
C GLY A 443 -16.63 7.38 15.17
N ASP A 444 -16.82 7.47 16.49
CA ASP A 444 -15.73 7.31 17.49
C ASP A 444 -15.61 5.85 17.96
N TRP A 445 -16.37 4.90 17.36
CA TRP A 445 -16.52 3.51 17.84
C TRP A 445 -15.93 2.51 16.83
N ILE A 446 -15.24 1.48 17.33
CA ILE A 446 -14.85 0.31 16.52
C ILE A 446 -15.49 -0.93 17.14
N MET A 447 -16.21 -1.69 16.32
CA MET A 447 -16.79 -2.98 16.69
C MET A 447 -15.98 -4.06 15.98
N MET A 448 -15.33 -4.95 16.74
CA MET A 448 -14.61 -6.13 16.19
C MET A 448 -15.38 -7.40 16.55
N PRO A 449 -15.86 -8.19 15.57
CA PRO A 449 -16.40 -9.50 15.84
C PRO A 449 -15.30 -10.36 16.45
N PRO A 450 -15.65 -11.46 17.16
CA PRO A 450 -14.68 -12.43 17.64
C PRO A 450 -14.23 -13.32 16.48
N TYR A 451 -12.96 -13.70 16.45
CA TYR A 451 -12.43 -14.70 15.50
C TYR A 451 -11.48 -15.66 16.23
N LYS A 452 -11.58 -16.95 15.91
CA LYS A 452 -10.62 -18.01 16.32
C LYS A 452 -9.36 -17.80 15.48
N GLY A 453 -8.22 -17.78 16.14
CA GLY A 453 -6.90 -17.64 15.49
C GLY A 453 -5.85 -17.35 16.52
N SER A 454 -4.60 -17.18 16.10
CA SER A 454 -3.47 -16.88 17.00
C SER A 454 -3.62 -15.47 17.53
N GLN A 455 -3.03 -15.19 18.69
N GLN A 455 -3.06 -15.19 18.70
CA GLN A 455 -2.96 -13.82 19.26
CA GLN A 455 -2.95 -13.82 19.26
C GLN A 455 -2.01 -12.97 18.41
C GLN A 455 -2.03 -12.99 18.38
N ARG A 456 -0.88 -13.56 17.99
CA ARG A 456 0.14 -12.88 17.16
C ARG A 456 0.60 -13.82 16.05
N ASN A 457 1.09 -13.30 14.92
CA ASN A 457 1.79 -14.13 13.91
C ASN A 457 3.30 -14.05 14.22
N LEU A 458 4.15 -14.59 13.36
CA LEU A 458 5.61 -14.69 13.65
C LEU A 458 6.24 -13.31 13.77
N THR A 459 5.66 -12.25 13.17
CA THR A 459 6.19 -10.88 13.25
C THR A 459 6.04 -10.33 14.67
N GLY A 460 5.19 -10.93 15.52
CA GLY A 460 4.90 -10.38 16.86
C GLY A 460 3.70 -9.44 16.84
N ASN A 461 3.22 -9.03 15.66
CA ASN A 461 2.02 -8.16 15.54
C ASN A 461 0.81 -8.90 16.13
N GLU A 462 0.04 -8.24 16.99
CA GLU A 462 -1.28 -8.73 17.43
C GLU A 462 -2.25 -8.71 16.24
N LEU A 463 -2.89 -9.83 15.96
CA LEU A 463 -3.76 -10.04 14.79
C LEU A 463 -5.17 -9.46 15.04
N GLY A 464 -5.58 -9.23 16.29
CA GLY A 464 -6.95 -8.82 16.62
C GLY A 464 -7.92 -9.97 16.58
N ASN A 465 -7.53 -11.11 17.16
CA ASN A 465 -8.39 -12.31 17.26
C ASN A 465 -8.93 -12.37 18.68
N LEU A 466 -10.13 -11.82 18.93
CA LEU A 466 -10.72 -11.69 20.29
C LEU A 466 -11.79 -12.77 20.47
N ASP A 467 -12.20 -13.02 21.73
CA ASP A 467 -13.06 -14.18 22.10
C ASP A 467 -14.55 -13.77 22.10
N GLU A 468 -14.87 -12.48 22.09
CA GLU A 468 -16.26 -11.97 22.11
C GLU A 468 -16.35 -10.72 21.21
N PHE A 469 -17.55 -10.41 20.72
CA PHE A 469 -17.91 -9.12 20.07
C PHE A 469 -17.41 -8.03 20.99
N SER A 470 -16.44 -7.24 20.52
N SER A 470 -16.50 -7.18 20.48
CA SER A 470 -15.79 -6.18 21.33
CA SER A 470 -15.78 -6.19 21.31
C SER A 470 -16.17 -4.80 20.77
C SER A 470 -16.00 -4.77 20.75
N LEU A 471 -16.15 -3.78 21.63
CA LEU A 471 -16.44 -2.38 21.22
C LEU A 471 -15.40 -1.48 21.86
N PHE A 472 -14.79 -0.60 21.06
CA PHE A 472 -13.73 0.33 21.50
C PHE A 472 -14.18 1.77 21.21
N ASP A 473 -14.08 2.64 22.22
CA ASP A 473 -14.26 4.11 22.09
C ASP A 473 -12.89 4.69 21.76
N VAL A 474 -12.66 4.92 20.47
CA VAL A 474 -11.31 5.24 19.93
C VAL A 474 -11.09 6.76 20.06
N LYS A 475 -12.11 7.51 20.47
CA LYS A 475 -11.97 8.92 20.89
C LYS A 475 -11.18 8.96 22.19
N SER A 476 -11.54 8.12 23.16
CA SER A 476 -10.97 8.14 24.54
C SER A 476 -9.92 7.04 24.69
N ASP A 477 -10.08 5.92 23.98
CA ASP A 477 -9.19 4.72 24.03
C ASP A 477 -8.62 4.48 22.62
N LYS A 478 -7.77 5.41 22.16
CA LYS A 478 -7.05 5.35 20.87
C LYS A 478 -6.40 3.97 20.66
N GLY A 479 -5.77 3.41 21.73
CA GLY A 479 -4.96 2.18 21.71
C GLY A 479 -5.76 0.91 21.89
N GLN A 480 -7.10 1.00 21.93
CA GLN A 480 -8.03 -0.15 22.01
C GLN A 480 -7.64 -1.07 23.20
N LYS A 481 -7.40 -0.47 24.37
CA LYS A 481 -7.08 -1.20 25.62
C LYS A 481 -8.29 -2.00 26.08
N SER A 482 -9.50 -1.45 25.96
CA SER A 482 -10.68 -1.92 26.72
C SER A 482 -11.89 -2.15 25.81
N ASN A 483 -12.39 -3.38 25.87
CA ASN A 483 -13.67 -3.83 25.28
C ASN A 483 -14.81 -3.36 26.21
N VAL A 484 -15.52 -2.29 25.83
CA VAL A 484 -16.61 -1.68 26.65
C VAL A 484 -17.99 -2.13 26.13
N ALA A 485 -18.06 -3.17 25.32
CA ALA A 485 -19.31 -3.73 24.76
C ALA A 485 -20.36 -3.96 25.87
N GLY A 486 -19.90 -4.34 27.07
CA GLY A 486 -20.72 -4.74 28.23
C GLY A 486 -21.60 -3.62 28.74
N ARG A 487 -21.08 -2.38 28.76
CA ARG A 487 -21.79 -1.18 29.28
C ARG A 487 -22.44 -0.39 28.12
N HIS A 488 -22.44 -0.90 26.87
CA HIS A 488 -23.10 -0.26 25.71
C HIS A 488 -23.82 -1.30 24.84
N PRO A 489 -24.73 -2.11 25.43
CA PRO A 489 -25.36 -3.21 24.70
C PRO A 489 -26.21 -2.73 23.51
N GLU A 490 -26.87 -1.57 23.66
CA GLU A 490 -27.77 -0.99 22.63
C GLU A 490 -26.91 -0.58 21.42
N LEU A 491 -25.84 0.19 21.65
CA LEU A 491 -24.92 0.67 20.58
C LEU A 491 -24.32 -0.55 19.87
N LEU A 492 -23.91 -1.57 20.63
CA LEU A 492 -23.26 -2.78 20.07
C LEU A 492 -24.21 -3.46 19.08
N GLU A 493 -25.45 -3.71 19.49
CA GLU A 493 -26.43 -4.46 18.67
C GLU A 493 -26.62 -3.68 17.35
N ARG A 494 -26.71 -2.36 17.45
CA ARG A 494 -26.90 -1.47 16.26
C ARG A 494 -25.68 -1.61 15.34
N LEU A 495 -24.46 -1.45 15.86
CA LEU A 495 -23.22 -1.57 15.05
C LEU A 495 -23.13 -2.97 14.45
N LYS A 496 -23.53 -4.03 15.17
CA LYS A 496 -23.58 -5.41 14.61
C LYS A 496 -24.55 -5.50 13.43
N GLN A 497 -25.75 -4.90 13.59
N GLN A 497 -25.75 -4.91 13.54
CA GLN A 497 -26.84 -4.90 12.57
CA GLN A 497 -26.79 -5.03 12.47
C GLN A 497 -26.31 -4.27 11.28
C GLN A 497 -26.30 -4.27 11.23
N GLU A 498 -25.74 -3.06 11.41
CA GLU A 498 -25.18 -2.27 10.27
C GLU A 498 -24.03 -3.02 9.60
N PHE A 499 -23.19 -3.67 10.40
CA PHE A 499 -22.02 -4.45 9.92
C PHE A 499 -22.51 -5.68 9.14
N PHE A 500 -23.47 -6.44 9.68
CA PHE A 500 -24.07 -7.62 9.01
C PHE A 500 -24.70 -7.20 7.69
N VAL A 501 -25.45 -6.10 7.66
CA VAL A 501 -26.13 -5.62 6.42
C VAL A 501 -25.06 -5.34 5.37
N GLN A 502 -23.99 -4.60 5.70
CA GLN A 502 -22.99 -4.13 4.70
C GLN A 502 -22.08 -5.28 4.24
N THR A 503 -21.93 -6.36 5.04
CA THR A 503 -20.96 -7.45 4.80
C THR A 503 -21.65 -8.77 4.43
N ASP A 504 -22.98 -8.87 4.55
CA ASP A 504 -23.67 -10.17 4.29
C ASP A 504 -23.29 -10.66 2.90
N GLY A 505 -22.92 -11.94 2.81
CA GLY A 505 -22.51 -12.60 1.55
C GLY A 505 -21.01 -12.64 1.43
N PHE A 506 -20.29 -11.84 2.22
CA PHE A 506 -18.81 -11.65 2.14
C PHE A 506 -18.17 -11.99 3.49
N TYR A 507 -18.77 -11.53 4.57
CA TYR A 507 -18.40 -11.86 5.97
C TYR A 507 -18.35 -13.38 6.12
N ARG A 508 -17.28 -13.87 6.76
CA ARG A 508 -17.08 -15.29 7.15
C ARG A 508 -16.76 -15.30 8.65
N SER A 509 -17.53 -16.03 9.45
CA SER A 509 -17.36 -16.12 10.92
C SER A 509 -16.07 -16.90 11.25
N GLU A 510 -15.64 -17.80 10.36
CA GLU A 510 -14.40 -18.62 10.47
C GLU A 510 -13.53 -18.35 9.25
N VAL A 511 -12.31 -17.87 9.49
CA VAL A 511 -11.31 -17.50 8.44
C VAL A 511 -10.01 -18.28 8.66
N GLU A 512 -9.58 -19.03 7.64
CA GLU A 512 -8.30 -19.76 7.63
C GLU A 512 -7.17 -18.77 7.92
N GLU A 513 -6.27 -19.13 8.82
CA GLU A 513 -5.06 -18.35 9.19
C GLU A 513 -4.00 -18.65 8.14
N GLU A 514 -3.65 -17.67 7.29
CA GLU A 514 -2.70 -17.83 6.15
C GLU A 514 -1.27 -17.75 6.71
N PRO A 515 -0.40 -18.75 6.48
CA PRO A 515 0.97 -18.66 6.96
C PRO A 515 1.77 -17.57 6.22
N LEU A 516 2.66 -16.91 6.96
CA LEU A 516 3.65 -15.96 6.40
C LEU A 516 4.60 -16.76 5.49
N LYS A 517 4.99 -16.18 4.36
CA LYS A 517 5.92 -16.77 3.36
C LYS A 517 7.30 -16.17 3.56
#